data_6QTS
#
_entry.id   6QTS
#
_cell.length_a   48.343
_cell.length_b   55.216
_cell.length_c   103.017
_cell.angle_alpha   90.000
_cell.angle_beta   90.000
_cell.angle_gamma   90.000
#
_symmetry.space_group_name_H-M   'P 21 21 21'
#
loop_
_entity.id
_entity.type
_entity.pdbx_description
1 polymer 'E3 ubiquitin-protein ligase COP1'
2 polymer 'Ultraviolet-B receptor UVR8'
3 non-polymer 'SULFATE ION'
4 non-polymer GLYCEROL
5 water water
#
loop_
_entity_poly.entity_id
_entity_poly.type
_entity_poly.pdbx_seq_one_letter_code
_entity_poly.pdbx_strand_id
1 'polypeptide(L)'
;GAMTFTRYSRLRVIAEIRHGDIFHSANIVSSIEFSDRDDELFATAGVSR(CME)IKVFDFSSVVNEPADMQ(CME)PIVE
MSTRSKLS(CSO)LSWNKHEKNHIASSDYEGIVTVWDVTTRQSLMEYEEHEKRAWSVDFSRTEPSMLVSGSDD(CSO)KV
KVW(CSO)TRQEASVINIDMKANIC(CSO)VKYNPGSSNYIAVGSADHHIHYYDLRNISQPLHVFSGHKKAVSYVKFLSN
NELASASTDSTLRLWDVKDNLPVRTFRGHTNEKNFVGLTVNSEYLACGSETNEVYVYHKEITRPVTSHRFGSPDMDDAEE
EAGSYFISAVCWKSDSPTMLTANSQGTIKVLVLAA
;
A
2 'polypeptide(L)' (ACE)RYAVVPDE B
#
loop_
_chem_comp.id
_chem_comp.type
_chem_comp.name
_chem_comp.formula
ACE non-polymer 'ACETYL GROUP' 'C2 H4 O'
GOL non-polymer GLYCEROL 'C3 H8 O3'
SO4 non-polymer 'SULFATE ION' 'O4 S -2'
#
# COMPACT_ATOMS: atom_id res chain seq x y z
N THR A 6 10.76 -13.72 -20.67
CA THR A 6 11.77 -13.29 -21.63
C THR A 6 11.85 -11.77 -21.70
N ARG A 7 10.72 -11.09 -21.56
CA ARG A 7 10.66 -9.67 -21.85
C ARG A 7 11.59 -8.88 -20.95
N TYR A 8 11.62 -9.18 -19.67
CA TYR A 8 12.44 -8.49 -18.71
C TYR A 8 13.28 -9.49 -17.94
N SER A 9 14.51 -9.13 -17.63
CA SER A 9 15.36 -9.99 -16.81
C SER A 9 16.00 -9.26 -15.63
N ARG A 10 15.85 -7.96 -15.51
CA ARG A 10 16.54 -7.21 -14.49
C ARG A 10 15.74 -5.97 -14.14
N LEU A 11 16.12 -5.36 -13.01
CA LEU A 11 15.68 -4.04 -12.60
C LEU A 11 16.88 -3.12 -12.62
N ARG A 12 16.80 -2.06 -13.41
CA ARG A 12 17.84 -1.06 -13.47
C ARG A 12 17.54 0.06 -12.47
N VAL A 13 18.58 0.59 -11.84
CA VAL A 13 18.44 1.72 -10.93
C VAL A 13 18.59 2.96 -11.78
N ILE A 14 17.54 3.77 -11.83
CA ILE A 14 17.65 5.01 -12.58
C ILE A 14 17.82 6.21 -11.68
N ALA A 15 17.54 6.09 -10.38
CA ALA A 15 17.82 7.17 -9.44
C ALA A 15 17.81 6.60 -8.03
N GLU A 16 18.54 7.25 -7.14
CA GLU A 16 18.63 6.85 -5.74
C GLU A 16 18.69 8.10 -4.89
N ILE A 17 17.84 8.17 -3.88
CA ILE A 17 17.89 9.23 -2.88
C ILE A 17 18.37 8.54 -1.61
N ARG A 18 19.63 8.78 -1.25
CA ARG A 18 20.19 8.18 -0.05
C ARG A 18 19.58 8.81 1.19
N HIS A 19 19.46 8.01 2.25
CA HIS A 19 18.78 8.44 3.46
C HIS A 19 19.53 9.59 4.13
N ASN A 27 15.59 5.92 8.76
CA ASN A 27 14.24 5.67 9.27
C ASN A 27 13.40 4.91 8.25
N ILE A 28 12.57 3.99 8.75
CA ILE A 28 11.73 3.18 7.88
C ILE A 28 10.78 4.07 7.10
N VAL A 29 10.73 3.84 5.79
CA VAL A 29 9.73 4.44 4.91
C VAL A 29 8.60 3.43 4.78
N SER A 30 7.46 3.73 5.40
CA SER A 30 6.32 2.84 5.44
CA SER A 30 6.36 2.78 5.40
C SER A 30 5.54 2.84 4.13
N SER A 31 5.61 3.93 3.38
CA SER A 31 4.75 4.12 2.23
C SER A 31 5.42 5.03 1.24
N ILE A 32 5.29 4.68 -0.04
CA ILE A 32 5.74 5.50 -1.16
C ILE A 32 4.66 5.40 -2.23
N GLU A 33 4.14 6.55 -2.67
CA GLU A 33 2.96 6.56 -3.54
C GLU A 33 3.03 7.71 -4.53
N PHE A 34 2.62 7.45 -5.77
CA PHE A 34 2.45 8.46 -6.79
C PHE A 34 1.11 9.18 -6.67
N ASP A 36 1.11 10.47 -7.04
CA ASP A 36 -0.12 11.24 -7.15
C ASP A 36 -0.92 10.79 -8.38
N ARG A 37 -2.06 11.44 -8.60
CA ARG A 37 -3.01 10.95 -9.60
C ARG A 37 -2.45 10.93 -11.01
N ASP A 38 -1.45 11.75 -11.30
CA ASP A 38 -0.87 11.82 -12.63
C ASP A 38 0.51 11.19 -12.72
N ASP A 39 0.95 10.51 -11.67
CA ASP A 39 2.30 9.96 -11.62
C ASP A 39 3.36 11.04 -11.81
N GLU A 40 3.06 12.25 -11.38
CA GLU A 40 3.98 13.38 -11.51
C GLU A 40 4.79 13.63 -10.24
N LEU A 41 4.13 13.59 -9.11
CA LEU A 41 4.75 13.70 -7.80
C LEU A 41 4.65 12.35 -7.12
N PHE A 42 5.53 12.11 -6.15
CA PHE A 42 5.35 10.98 -5.25
C PHE A 42 5.60 11.47 -3.84
N ALA A 43 5.09 10.71 -2.88
CA ALA A 43 5.25 11.05 -1.46
C ALA A 43 5.77 9.84 -0.71
N THR A 44 6.54 10.12 0.34
CA THR A 44 7.02 9.10 1.26
C THR A 44 6.61 9.48 2.67
N ALA A 45 6.48 8.47 3.52
CA ALA A 45 6.20 8.73 4.93
C ALA A 45 6.55 7.48 5.73
N GLY A 46 6.91 7.70 6.98
CA GLY A 46 7.21 6.58 7.85
C GLY A 46 7.45 7.00 9.28
N VAL A 47 8.45 6.38 9.90
CA VAL A 47 8.64 6.55 11.33
CA VAL A 47 8.70 6.55 11.32
C VAL A 47 9.19 7.93 11.66
N SER A 48 9.76 8.65 10.72
CA SER A 48 10.30 9.97 11.02
C SER A 48 9.23 11.07 11.15
N ARG A 49 7.94 10.74 10.99
CA ARG A 49 6.88 11.72 11.23
C ARG A 49 6.96 12.90 10.29
N CME A 50 7.21 12.61 9.01
CA CME A 50 7.35 13.63 8.02
CB CME A 50 8.80 14.08 7.87
SG CME A 50 9.04 15.49 6.82
SD CME A 50 8.42 17.05 7.99
CE CME A 50 9.68 17.37 9.18
CZ CME A 50 11.07 17.54 8.59
OH CME A 50 11.01 18.70 7.78
C CME A 50 6.91 13.09 6.68
O CME A 50 7.48 12.15 6.12
HA CME A 50 6.68 14.51 8.28
HB2 CME A 50 9.39 13.22 7.46
HB3 CME A 50 9.20 14.32 8.89
HE2 CME A 50 9.62 16.51 9.90
HE3 CME A 50 9.33 18.29 9.71
HZ2 CME A 50 11.35 16.64 7.96
HZ3 CME A 50 11.83 17.66 9.41
HH CME A 50 10.14 18.72 7.38
N ILE A 51 5.85 13.69 6.16
CA ILE A 51 5.36 13.35 4.83
C ILE A 51 6.11 14.23 3.84
N LYS A 52 6.89 13.60 2.97
CA LYS A 52 7.72 14.32 2.01
C LYS A 52 7.18 14.08 0.61
N VAL A 53 7.11 15.14 -0.18
CA VAL A 53 6.65 15.08 -1.56
C VAL A 53 7.82 15.44 -2.46
N PHE A 54 8.01 14.64 -3.50
CA PHE A 54 9.07 14.81 -4.47
C PHE A 54 8.48 14.91 -5.87
N ASP A 55 9.19 15.61 -6.74
CA ASP A 55 8.86 15.67 -8.16
C ASP A 55 9.57 14.54 -8.88
N PHE A 56 8.81 13.65 -9.52
CA PHE A 56 9.40 12.46 -10.13
C PHE A 56 10.43 12.81 -11.20
N SER A 57 10.09 13.71 -12.11
CA SER A 57 11.00 14.06 -13.18
CA SER A 57 11.01 14.03 -13.18
C SER A 57 12.30 14.65 -12.64
N SER A 58 12.19 15.49 -11.60
CA SER A 58 13.39 16.07 -11.01
C SER A 58 14.28 14.98 -10.43
N VAL A 59 13.68 14.00 -9.75
CA VAL A 59 14.44 12.92 -9.15
C VAL A 59 15.18 12.11 -10.21
N VAL A 60 14.50 11.84 -11.33
CA VAL A 60 15.11 11.04 -12.39
C VAL A 60 16.21 11.79 -13.10
N ASN A 61 16.10 13.11 -13.20
CA ASN A 61 16.96 13.88 -14.10
C ASN A 61 18.10 14.63 -13.41
N GLU A 62 18.14 14.66 -12.07
CA GLU A 62 19.09 15.54 -11.39
C GLU A 62 20.01 14.76 -10.46
N PRO A 63 21.10 15.37 -9.97
CA PRO A 63 22.10 14.67 -9.15
C PRO A 63 21.87 14.78 -7.64
N GLN A 67 16.73 15.29 -5.24
CA GLN A 67 17.44 15.51 -3.99
C GLN A 67 16.52 16.07 -2.90
N CME A 68 16.02 17.29 -3.06
CA CME A 68 15.19 17.91 -2.06
CB CME A 68 15.41 19.43 -1.95
SG CME A 68 17.03 19.92 -1.45
SD CME A 68 16.86 20.16 0.63
CE CME A 68 17.25 18.62 1.34
CZ CME A 68 16.74 18.48 2.77
OH CME A 68 15.62 17.59 2.75
C CME A 68 13.69 17.78 -2.26
O CME A 68 13.19 17.99 -3.34
H CME A 68 16.41 17.98 -3.68
HA CME A 68 15.41 17.31 -1.13
HB2 CME A 68 14.68 19.83 -1.21
HB3 CME A 68 15.18 19.89 -2.94
HE2 CME A 68 16.80 17.85 0.66
HE3 CME A 68 18.36 18.52 1.27
HZ2 CME A 68 16.42 19.48 3.18
HZ3 CME A 68 17.54 18.04 3.43
HH CME A 68 15.93 16.75 3.09
N PRO A 69 12.95 17.42 -1.19
CA PRO A 69 11.50 17.38 -1.35
C PRO A 69 10.95 18.76 -1.61
N ILE A 70 9.85 18.83 -2.36
CA ILE A 70 9.16 20.09 -2.57
C ILE A 70 8.14 20.40 -1.47
N VAL A 71 7.75 19.42 -0.68
CA VAL A 71 6.87 19.63 0.46
C VAL A 71 7.33 18.72 1.58
N GLU A 72 7.28 19.21 2.80
CA GLU A 72 7.53 18.43 4.01
C GLU A 72 6.47 18.81 5.03
N MET A 73 5.68 17.82 5.47
CA MET A 73 4.62 18.03 6.43
C MET A 73 4.90 17.18 7.66
N SER A 74 5.09 17.84 8.80
CA SER A 74 5.39 17.11 10.03
C SER A 74 4.11 16.59 10.66
N THR A 75 4.22 15.43 11.30
CA THR A 75 3.07 14.77 11.91
C THR A 75 3.37 14.49 13.37
N ARG A 76 2.30 14.17 14.11
CA ARG A 76 2.40 13.85 15.53
C ARG A 76 2.84 12.43 15.80
N SER A 77 2.70 11.53 14.83
CA SER A 77 2.97 10.12 15.05
CA SER A 77 2.92 10.11 15.03
C SER A 77 3.56 9.52 13.78
N LYS A 78 4.23 8.38 13.96
CA LYS A 78 4.76 7.64 12.81
C LYS A 78 3.63 7.33 11.84
N LEU A 79 3.93 7.40 10.55
CA LEU A 79 2.95 7.08 9.52
C LEU A 79 3.09 5.62 9.09
N SER A 80 1.94 5.00 8.82
CA SER A 80 1.91 3.66 8.28
C SER A 80 1.58 3.61 6.78
N CSO A 81 0.88 4.61 6.26
CA CSO A 81 0.37 4.49 4.89
CA CSO A 81 0.40 4.50 4.90
CB CSO A 81 -0.85 3.55 4.85
CB CSO A 81 -0.78 3.52 4.91
SG CSO A 81 -1.32 3.00 3.20
SG CSO A 81 -1.64 3.37 3.35
C CSO A 81 -0.02 5.87 4.36
O CSO A 81 -0.43 6.74 5.13
OD CSO A 81 0.10 2.27 2.48
OD CSO A 81 -2.19 1.71 3.17
HA CSO A 81 1.06 4.11 4.30
HA CSO A 81 1.09 4.16 4.28
HB2 CSO A 81 -1.61 4.01 5.24
HB2 CSO A 81 -1.42 3.82 5.57
HB3 CSO A 81 -0.65 2.75 5.37
HB3 CSO A 81 -0.46 2.65 5.15
HD CSO A 81 -0.09 1.96 1.59
HD CSO A 81 -2.65 1.61 2.32
N LEU A 82 0.10 6.02 3.05
CA LEU A 82 -0.36 7.19 2.32
C LEU A 82 -1.26 6.76 1.17
N SER A 83 -2.22 7.61 0.81
CA SER A 83 -3.04 7.40 -0.38
C SER A 83 -3.38 8.75 -0.97
N TRP A 84 -2.95 9.00 -2.20
CA TRP A 84 -3.32 10.24 -2.85
C TRP A 84 -4.76 10.18 -3.36
N ASN A 85 -5.42 11.33 -3.37
CA ASN A 85 -6.75 11.43 -3.93
C ASN A 85 -6.66 11.29 -5.44
N LYS A 86 -7.65 10.58 -6.01
CA LYS A 86 -7.62 10.25 -7.42
C LYS A 86 -8.24 11.34 -8.28
N HIS A 87 -8.85 12.35 -7.67
CA HIS A 87 -9.49 13.46 -8.37
C HIS A 87 -8.89 14.80 -7.97
N GLU A 88 -8.72 15.04 -6.67
CA GLU A 88 -8.09 16.26 -6.18
C GLU A 88 -6.58 16.06 -6.19
N LYS A 89 -5.93 16.67 -7.17
CA LYS A 89 -4.50 16.56 -7.40
C LYS A 89 -3.70 16.69 -6.10
N ASN A 90 -4.05 17.67 -5.28
CA ASN A 90 -3.19 18.07 -4.20
C ASN A 90 -3.50 17.40 -2.89
N HIS A 91 -4.46 16.49 -2.83
CA HIS A 91 -4.87 15.93 -1.56
C HIS A 91 -4.29 14.54 -1.38
N ILE A 92 -3.83 14.26 -0.16
CA ILE A 92 -3.24 12.98 0.19
C ILE A 92 -3.68 12.62 1.60
N ALA A 93 -4.04 11.36 1.79
CA ALA A 93 -4.39 10.87 3.12
C ALA A 93 -3.25 10.08 3.73
N SER A 94 -3.18 10.12 5.07
CA SER A 94 -2.24 9.31 5.83
C SER A 94 -2.96 8.57 6.95
N SER A 95 -2.41 7.44 7.33
CA SER A 95 -2.76 6.74 8.55
C SER A 95 -1.55 6.72 9.45
N ASP A 96 -1.76 6.81 10.77
CA ASP A 96 -0.65 6.87 11.71
C ASP A 96 -0.80 5.90 12.87
N TYR A 97 0.27 5.81 13.64
CA TYR A 97 0.38 4.83 14.71
C TYR A 97 -0.47 5.18 15.93
N GLU A 98 -1.02 6.38 15.99
CA GLU A 98 -2.01 6.73 17.00
C GLU A 98 -3.42 6.35 16.56
N GLY A 99 -3.59 5.93 15.31
CA GLY A 99 -4.89 5.61 14.77
C GLY A 99 -5.51 6.73 13.97
N ILE A 100 -4.86 7.87 13.84
CA ILE A 100 -5.44 9.04 13.19
CA ILE A 100 -5.46 9.03 13.19
C ILE A 100 -5.32 8.89 11.68
N VAL A 101 -6.39 9.23 10.99
CA VAL A 101 -6.46 9.24 9.54
C VAL A 101 -6.62 10.69 9.15
N THR A 102 -5.68 11.22 8.39
CA THR A 102 -5.62 12.64 8.08
C THR A 102 -5.66 12.82 6.57
N VAL A 103 -6.41 13.82 6.12
CA VAL A 103 -6.38 14.28 4.74
C VAL A 103 -5.65 15.60 4.71
N TRP A 104 -4.61 15.68 3.90
CA TRP A 104 -3.74 16.83 3.79
C TRP A 104 -3.86 17.46 2.40
N ASP A 105 -3.58 18.77 2.32
CA ASP A 105 -3.37 19.44 1.04
C ASP A 105 -1.88 19.77 0.94
N VAL A 106 -1.20 19.19 -0.05
CA VAL A 106 0.25 19.35 -0.16
C VAL A 106 0.67 20.71 -0.65
N THR A 107 -0.26 21.52 -1.18
CA THR A 107 0.11 22.87 -1.56
C THR A 107 0.04 23.81 -0.36
N THR A 108 -1.02 23.74 0.43
CA THR A 108 -1.15 24.63 1.57
C THR A 108 -0.55 24.05 2.84
N ARG A 109 -0.20 22.78 2.84
CA ARG A 109 0.29 22.05 4.00
C ARG A 109 -0.78 21.87 5.07
N GLN A 110 -2.05 22.19 4.75
CA GLN A 110 -3.12 22.08 5.74
C GLN A 110 -3.47 20.63 5.99
N SER A 111 -3.76 20.28 7.24
CA SER A 111 -4.57 19.10 7.50
C SER A 111 -6.02 19.52 7.30
N LEU A 112 -6.66 18.99 6.27
CA LEU A 112 -8.05 19.30 5.94
C LEU A 112 -9.01 18.55 6.84
N MET A 113 -8.76 17.26 7.10
CA MET A 113 -9.58 16.45 7.97
C MET A 113 -8.68 15.64 8.88
N GLU A 114 -9.09 15.47 10.12
CA GLU A 114 -8.41 14.62 11.08
C GLU A 114 -9.46 13.70 11.68
N TYR A 115 -9.44 12.44 11.28
CA TYR A 115 -10.43 11.47 11.70
C TYR A 115 -9.80 10.66 12.84
N GLU A 116 -10.43 10.69 14.01
CA GLU A 116 -9.78 10.21 15.25
C GLU A 116 -10.54 9.08 15.95
N GLU A 117 -11.44 8.38 15.26
CA GLU A 117 -12.25 7.37 15.91
C GLU A 117 -11.50 6.08 16.22
N HIS A 118 -10.50 5.71 15.41
CA HIS A 118 -9.78 4.49 15.71
C HIS A 118 -9.11 4.61 17.08
N GLU A 119 -9.09 3.50 17.80
CA GLU A 119 -8.56 3.48 19.15
C GLU A 119 -7.14 2.93 19.23
N LYS A 120 -6.65 2.37 18.13
CA LYS A 120 -5.30 1.85 18.04
C LYS A 120 -4.75 2.24 16.69
N ARG A 121 -3.45 1.99 16.51
CA ARG A 121 -2.78 2.30 15.25
C ARG A 121 -3.63 1.88 14.05
N ALA A 122 -3.65 2.74 13.05
CA ALA A 122 -4.26 2.45 11.77
C ALA A 122 -3.13 2.05 10.81
N TRP A 123 -3.27 0.89 10.18
CA TRP A 123 -2.24 0.37 9.30
C TRP A 123 -2.39 0.83 7.87
N SER A 124 -3.57 1.30 7.46
CA SER A 124 -3.86 1.53 6.06
CA SER A 124 -3.76 1.62 6.07
C SER A 124 -4.85 2.67 5.91
N VAL A 125 -4.74 3.39 4.80
CA VAL A 125 -5.77 4.30 4.31
C VAL A 125 -5.80 4.13 2.79
N ASP A 126 -6.98 4.28 2.19
CA ASP A 126 -7.13 4.17 0.74
C ASP A 126 -8.25 5.08 0.27
N PHE A 127 -7.92 6.00 -0.64
CA PHE A 127 -8.92 6.81 -1.32
C PHE A 127 -9.52 6.03 -2.49
N SER A 128 -10.83 6.03 -2.61
CA SER A 128 -11.50 5.39 -3.73
C SER A 128 -11.20 6.09 -5.05
N ARG A 129 -11.00 5.29 -6.10
CA ARG A 129 -10.79 5.83 -7.43
C ARG A 129 -12.07 6.38 -8.05
N THR A 130 -13.19 5.74 -7.79
CA THR A 130 -14.42 6.05 -8.51
C THR A 130 -15.37 6.96 -7.74
N GLU A 131 -15.25 7.02 -6.42
CA GLU A 131 -16.00 7.97 -5.60
CA GLU A 131 -15.99 7.98 -5.60
C GLU A 131 -14.93 8.67 -4.77
N PRO A 132 -14.27 9.70 -5.33
CA PRO A 132 -12.98 10.11 -4.79
C PRO A 132 -13.05 10.84 -3.47
N SER A 133 -14.22 11.22 -2.98
CA SER A 133 -14.38 11.78 -1.64
CA SER A 133 -14.31 11.77 -1.64
C SER A 133 -14.43 10.71 -0.55
N MET A 134 -14.46 9.43 -0.93
CA MET A 134 -14.51 8.33 0.01
C MET A 134 -13.12 7.78 0.27
N LEU A 135 -12.85 7.49 1.53
CA LEU A 135 -11.60 6.85 1.92
C LEU A 135 -11.89 5.84 3.02
N VAL A 136 -11.07 4.82 3.10
CA VAL A 136 -11.30 3.73 4.04
C VAL A 136 -10.00 3.46 4.79
N SER A 137 -10.12 3.11 6.07
CA SER A 137 -8.99 2.78 6.91
C SER A 137 -9.26 1.48 7.66
N GLY A 138 -8.16 0.86 8.11
CA GLY A 138 -8.23 -0.31 8.96
C GLY A 138 -7.18 -0.22 10.05
N SER A 139 -7.44 -0.89 11.17
CA SER A 139 -6.68 -0.66 12.39
C SER A 139 -6.52 -1.93 13.22
N ASP A 140 -5.51 -1.88 14.09
CA ASP A 140 -5.37 -2.88 15.14
C ASP A 140 -6.58 -2.92 16.07
N ASP A 141 -7.44 -1.92 16.05
CA ASP A 141 -8.68 -1.96 16.84
C ASP A 141 -9.75 -2.87 16.23
N CSO A 142 -9.38 -3.53 15.15
CA CSO A 142 -10.21 -4.51 14.47
CA CSO A 142 -10.25 -4.50 14.48
CB CSO A 142 -10.59 -5.66 15.43
CB CSO A 142 -10.81 -5.57 15.45
SG CSO A 142 -9.14 -6.20 16.43
SG CSO A 142 -9.51 -6.56 16.20
C CSO A 142 -11.43 -3.89 13.76
O CSO A 142 -12.39 -4.59 13.44
OD CSO A 142 -9.46 -5.89 18.15
OD CSO A 142 -10.15 -7.68 17.43
HA CSO A 142 -9.70 -4.92 13.74
HA CSO A 142 -9.66 -4.94 13.84
HB2 CSO A 142 -10.91 -6.41 14.92
HB2 CSO A 142 -11.40 -6.16 14.97
HB3 CSO A 142 -11.28 -5.35 16.04
HB3 CSO A 142 -11.30 -5.13 16.17
HD CSO A 142 -8.70 -6.17 18.68
HD CSO A 142 -9.43 -8.22 17.80
N LYS A 143 -11.37 -2.59 13.49
CA LYS A 143 -12.43 -1.91 12.77
C LYS A 143 -11.99 -1.45 11.38
N VAL A 144 -12.90 -1.59 10.43
CA VAL A 144 -12.83 -0.90 9.15
C VAL A 144 -13.71 0.34 9.27
N LYS A 145 -13.17 1.50 8.91
CA LYS A 145 -13.95 2.74 8.91
C LYS A 145 -13.92 3.35 7.52
N VAL A 146 -15.10 3.66 7.02
CA VAL A 146 -15.27 4.37 5.75
C VAL A 146 -15.61 5.81 6.08
N TRP A 147 -14.90 6.73 5.44
CA TRP A 147 -15.01 8.15 5.70
C TRP A 147 -15.35 8.85 4.40
N CSO A 148 -16.01 10.00 4.53
CA CSO A 148 -16.24 10.90 3.40
CB CSO A 148 -17.73 11.07 3.19
SG CSO A 148 -18.10 12.24 1.90
C CSO A 148 -15.60 12.24 3.75
O CSO A 148 -15.74 12.71 4.89
OD CSO A 148 -19.88 12.54 1.95
HA CSO A 148 -15.86 10.55 2.56
HB2 CSO A 148 -18.14 11.39 4.01
HB3 CSO A 148 -18.12 10.22 2.95
HD CSO A 148 -20.12 13.20 1.29
N THR A 149 -14.92 12.89 2.81
CA THR A 149 -14.21 14.12 3.12
C THR A 149 -15.13 15.28 3.48
N ARG A 150 -16.43 15.16 3.20
CA ARG A 150 -17.40 16.20 3.56
C ARG A 150 -18.07 15.95 4.91
N GLN A 151 -17.69 14.91 5.63
CA GLN A 151 -18.32 14.58 6.90
C GLN A 151 -17.27 14.26 7.96
N GLU A 152 -17.49 14.74 9.18
CA GLU A 152 -16.52 14.52 10.25
C GLU A 152 -16.60 13.12 10.84
N ALA A 153 -17.79 12.52 10.90
CA ALA A 153 -17.96 11.19 11.49
C ALA A 153 -17.86 10.11 10.41
N SER A 154 -17.40 8.93 10.80
CA SER A 154 -17.36 7.82 9.86
C SER A 154 -18.74 7.53 9.31
N VAL A 155 -18.78 7.10 8.05
CA VAL A 155 -20.05 6.79 7.43
CA VAL A 155 -20.01 6.75 7.34
C VAL A 155 -20.39 5.29 7.55
N ILE A 156 -19.39 4.42 7.54
CA ILE A 156 -19.59 2.99 7.75
C ILE A 156 -18.52 2.50 8.70
N ASN A 157 -18.92 1.59 9.60
CA ASN A 157 -18.01 0.94 10.52
CA ASN A 157 -18.00 0.94 10.51
C ASN A 157 -18.26 -0.56 10.45
N ILE A 158 -17.20 -1.33 10.26
CA ILE A 158 -17.29 -2.79 10.27
C ILE A 158 -16.46 -3.26 11.46
N ASP A 159 -17.12 -3.93 12.41
CA ASP A 159 -16.44 -4.51 13.55
C ASP A 159 -16.00 -5.92 13.17
N MET A 160 -14.71 -6.13 13.09
CA MET A 160 -14.10 -7.39 12.71
CA MET A 160 -14.18 -7.44 12.74
C MET A 160 -13.54 -8.08 13.97
N LYS A 161 -13.09 -9.31 13.79
CA LYS A 161 -12.64 -10.12 14.91
C LYS A 161 -11.13 -10.16 15.07
N ALA A 162 -10.38 -9.51 14.20
CA ALA A 162 -8.93 -9.58 14.27
C ALA A 162 -8.36 -8.26 13.74
N ASN A 163 -7.09 -8.03 14.05
CA ASN A 163 -6.42 -6.82 13.61
C ASN A 163 -6.49 -6.73 12.09
N ILE A 164 -6.63 -5.51 11.59
CA ILE A 164 -6.74 -5.24 10.15
CA ILE A 164 -6.73 -5.26 10.15
C ILE A 164 -5.43 -4.62 9.67
N CYS A 165 -4.81 -5.25 8.68
CA CYS A 165 -3.55 -4.77 8.15
C CYS A 165 -3.69 -3.91 6.92
N CSO A 166 -4.73 -4.10 6.13
CA CSO A 166 -4.88 -3.35 4.89
CB CSO A 166 -3.99 -3.94 3.79
SG CSO A 166 -4.08 -3.04 2.21
C CSO A 166 -6.33 -3.37 4.46
O CSO A 166 -6.99 -4.41 4.57
OD CSO A 166 -2.58 -2.34 1.56
HA CSO A 166 -4.60 -2.42 5.02
HB2 CSO A 166 -4.25 -4.86 3.63
HB3 CSO A 166 -3.06 -3.91 4.08
HD CSO A 166 -2.73 -1.98 0.67
N VAL A 167 -6.83 -2.25 3.97
CA VAL A 167 -8.12 -2.18 3.31
C VAL A 167 -7.94 -1.46 1.99
N LYS A 168 -8.48 -2.02 0.91
CA LYS A 168 -8.33 -1.45 -0.41
C LYS A 168 -9.65 -1.45 -1.15
N TYR A 169 -10.01 -0.33 -1.74
CA TYR A 169 -11.17 -0.26 -2.60
C TYR A 169 -10.94 -0.95 -3.93
N ASN A 170 -11.97 -1.61 -4.42
CA ASN A 170 -12.00 -2.06 -5.80
C ASN A 170 -11.82 -0.87 -6.73
N PRO A 171 -11.05 -1.01 -7.81
CA PRO A 171 -10.77 0.15 -8.66
C PRO A 171 -11.93 0.57 -9.50
N GLY A 172 -12.95 -0.28 -9.65
CA GLY A 172 -14.08 0.01 -10.51
C GLY A 172 -15.35 0.41 -9.80
N SER A 173 -15.41 0.23 -8.48
CA SER A 173 -16.62 0.54 -7.74
C SER A 173 -16.27 0.74 -6.26
N SER A 174 -16.79 1.82 -5.69
CA SER A 174 -16.60 2.13 -4.28
C SER A 174 -17.49 1.29 -3.38
N ASN A 175 -18.27 0.36 -3.94
CA ASN A 175 -19.05 -0.54 -3.11
C ASN A 175 -18.27 -1.73 -2.59
N TYR A 176 -17.07 -2.01 -3.09
CA TYR A 176 -16.36 -3.20 -2.66
C TYR A 176 -15.01 -2.85 -2.06
N ILE A 177 -14.69 -3.49 -0.95
CA ILE A 177 -13.37 -3.37 -0.33
C ILE A 177 -12.82 -4.75 -0.03
N ALA A 178 -11.52 -4.91 -0.22
CA ALA A 178 -10.79 -6.07 0.27
C ALA A 178 -10.12 -5.72 1.58
N VAL A 179 -10.24 -6.61 2.56
CA VAL A 179 -9.67 -6.42 3.89
C VAL A 179 -8.67 -7.54 4.15
N GLY A 180 -7.41 -7.16 4.31
CA GLY A 180 -6.37 -8.09 4.71
C GLY A 180 -6.29 -8.16 6.21
N SER A 181 -6.54 -9.34 6.77
CA SER A 181 -6.69 -9.50 8.20
C SER A 181 -5.57 -10.33 8.82
N ALA A 182 -5.30 -10.03 10.09
CA ALA A 182 -4.41 -10.87 10.87
C ALA A 182 -4.95 -12.27 11.09
N ASP A 183 -6.22 -12.53 10.78
CA ASP A 183 -6.76 -13.90 10.89
C ASP A 183 -6.41 -14.78 9.71
N HIS A 184 -5.57 -14.30 8.80
CA HIS A 184 -4.99 -15.03 7.67
C HIS A 184 -5.87 -14.99 6.44
N HIS A 185 -7.03 -14.34 6.49
CA HIS A 185 -7.96 -14.33 5.38
C HIS A 185 -8.09 -12.94 4.78
N ILE A 186 -8.57 -12.91 3.55
CA ILE A 186 -9.02 -11.68 2.90
C ILE A 186 -10.54 -11.64 2.97
N HIS A 187 -11.07 -10.62 3.60
CA HIS A 187 -12.52 -10.46 3.72
C HIS A 187 -12.95 -9.44 2.68
N TYR A 188 -13.78 -9.87 1.73
CA TYR A 188 -14.20 -9.02 0.62
C TYR A 188 -15.63 -8.57 0.87
N TYR A 189 -15.81 -7.29 1.15
CA TYR A 189 -17.11 -6.75 1.53
C TYR A 189 -17.76 -5.94 0.43
N ASP A 190 -19.07 -6.07 0.35
CA ASP A 190 -19.95 -5.12 -0.31
C ASP A 190 -20.45 -4.18 0.78
N LEU A 191 -20.04 -2.92 0.70
CA LEU A 191 -20.37 -1.93 1.71
C LEU A 191 -21.85 -1.60 1.77
N ARG A 192 -22.63 -2.05 0.79
CA ARG A 192 -24.07 -1.86 0.83
C ARG A 192 -24.75 -2.84 1.78
N ASN A 193 -24.07 -3.92 2.17
CA ASN A 193 -24.63 -4.89 3.11
C ASN A 193 -23.44 -5.53 3.86
N ILE A 194 -23.12 -4.95 5.01
CA ILE A 194 -21.92 -5.36 5.72
C ILE A 194 -22.17 -6.45 6.75
N SER A 195 -23.38 -7.03 6.76
CA SER A 195 -23.67 -8.07 7.73
C SER A 195 -22.74 -9.27 7.57
N GLN A 196 -22.42 -9.60 6.34
CA GLN A 196 -21.50 -10.68 6.00
C GLN A 196 -20.68 -10.18 4.84
N PRO A 197 -19.42 -10.54 4.78
CA PRO A 197 -18.65 -10.28 3.55
C PRO A 197 -19.27 -11.02 2.38
N LEU A 198 -19.04 -10.50 1.18
CA LEU A 198 -19.40 -11.23 -0.03
C LEU A 198 -18.70 -12.58 -0.06
N HIS A 199 -17.43 -12.59 0.34
CA HIS A 199 -16.63 -13.79 0.30
C HIS A 199 -15.44 -13.58 1.20
N VAL A 200 -14.95 -14.66 1.78
CA VAL A 200 -13.73 -14.65 2.57
C VAL A 200 -12.78 -15.63 1.91
N PHE A 201 -11.62 -15.12 1.50
CA PHE A 201 -10.61 -15.89 0.78
C PHE A 201 -9.58 -16.45 1.74
N SER A 202 -9.56 -17.76 1.86
CA SER A 202 -8.58 -18.47 2.67
C SER A 202 -7.52 -19.09 1.79
N GLY A 203 -6.31 -19.14 2.33
CA GLY A 203 -5.18 -19.73 1.65
C GLY A 203 -3.88 -19.34 2.31
N HIS A 204 -3.76 -18.08 2.73
CA HIS A 204 -2.58 -17.68 3.46
C HIS A 204 -2.53 -18.37 4.82
N LYS A 205 -1.31 -18.61 5.30
CA LYS A 205 -1.09 -19.30 6.56
C LYS A 205 -0.72 -18.35 7.70
N LYS A 206 -0.59 -17.07 7.42
CA LYS A 206 -0.28 -16.04 8.40
C LYS A 206 -1.06 -14.79 8.02
N ALA A 207 -0.89 -13.74 8.81
CA ALA A 207 -1.59 -12.49 8.57
C ALA A 207 -1.43 -12.04 7.12
N VAL A 208 -2.49 -11.43 6.61
CA VAL A 208 -2.50 -10.84 5.27
C VAL A 208 -2.17 -9.35 5.43
N SER A 209 -0.96 -8.98 5.01
CA SER A 209 -0.43 -7.65 5.26
C SER A 209 -0.81 -6.63 4.21
N TYR A 210 -1.07 -7.08 2.98
CA TYR A 210 -1.47 -6.19 1.89
C TYR A 210 -2.50 -6.87 0.99
N VAL A 211 -3.39 -6.05 0.43
CA VAL A 211 -4.28 -6.44 -0.64
C VAL A 211 -4.27 -5.31 -1.67
N LYS A 212 -4.15 -5.67 -2.94
CA LYS A 212 -4.06 -4.71 -4.03
CA LYS A 212 -4.07 -4.70 -4.03
C LYS A 212 -4.73 -5.30 -5.27
N PHE A 213 -5.47 -4.49 -6.01
CA PHE A 213 -6.18 -4.96 -7.19
C PHE A 213 -5.38 -4.74 -8.46
N LEU A 214 -5.26 -5.79 -9.29
CA LEU A 214 -4.71 -5.64 -10.62
C LEU A 214 -5.73 -5.07 -11.59
N SER A 215 -7.01 -5.34 -11.35
CA SER A 215 -8.11 -4.96 -12.20
C SER A 215 -9.39 -5.11 -11.37
N ASN A 216 -10.53 -4.86 -12.01
CA ASN A 216 -11.79 -4.96 -11.28
C ASN A 216 -12.00 -6.34 -10.69
N ASN A 217 -11.50 -7.39 -11.35
CA ASN A 217 -11.79 -8.75 -10.94
C ASN A 217 -10.59 -9.51 -10.38
N GLU A 218 -9.41 -8.92 -10.38
CA GLU A 218 -8.19 -9.61 -9.99
C GLU A 218 -7.61 -8.93 -8.77
N LEU A 219 -7.46 -9.69 -7.70
CA LEU A 219 -6.96 -9.19 -6.42
C LEU A 219 -5.71 -9.96 -6.03
N ALA A 220 -4.69 -9.22 -5.59
CA ALA A 220 -3.48 -9.83 -5.06
C ALA A 220 -3.36 -9.54 -3.58
N SER A 221 -2.65 -10.43 -2.89
CA SER A 221 -2.39 -10.27 -1.48
C SER A 221 -0.96 -10.66 -1.17
N ALA A 222 -0.46 -10.11 -0.08
CA ALA A 222 0.81 -10.52 0.52
C ALA A 222 0.57 -10.92 1.97
N SER A 223 1.43 -11.80 2.47
CA SER A 223 1.30 -12.33 3.80
C SER A 223 2.68 -12.64 4.36
N THR A 224 2.75 -12.65 5.70
CA THR A 224 3.97 -13.07 6.40
C THR A 224 4.15 -14.58 6.42
N ASP A 225 3.48 -15.30 5.51
CA ASP A 225 3.81 -16.67 5.17
C ASP A 225 4.78 -16.74 3.98
N SER A 226 5.38 -15.60 3.61
CA SER A 226 6.33 -15.54 2.51
C SER A 226 5.70 -15.93 1.18
N THR A 227 4.44 -15.59 0.97
CA THR A 227 3.82 -15.77 -0.32
C THR A 227 3.05 -14.52 -0.71
N LEU A 228 2.92 -14.33 -2.02
CA LEU A 228 1.84 -13.53 -2.58
C LEU A 228 0.80 -14.49 -3.14
N ARG A 229 -0.45 -14.05 -3.18
CA ARG A 229 -1.49 -14.85 -3.80
C ARG A 229 -2.35 -13.97 -4.69
N LEU A 230 -2.90 -14.61 -5.72
CA LEU A 230 -3.79 -13.98 -6.69
C LEU A 230 -5.15 -14.66 -6.59
N TRP A 231 -6.19 -13.84 -6.68
CA TRP A 231 -7.56 -14.26 -6.43
C TRP A 231 -8.47 -13.64 -7.48
N ASP A 232 -9.57 -14.32 -7.75
CA ASP A 232 -10.61 -13.88 -8.67
C ASP A 232 -11.81 -13.48 -7.85
N VAL A 233 -12.10 -12.17 -7.82
CA VAL A 233 -13.20 -11.63 -7.02
C VAL A 233 -14.51 -11.55 -7.79
N LYS A 234 -14.53 -11.97 -9.06
CA LYS A 234 -15.79 -12.11 -9.78
C LYS A 234 -16.42 -13.45 -9.43
N ASP A 235 -15.64 -14.52 -9.51
CA ASP A 235 -16.12 -15.88 -9.30
C ASP A 235 -15.64 -16.47 -7.98
N ASN A 236 -14.91 -15.71 -7.18
CA ASN A 236 -14.50 -16.09 -5.83
C ASN A 236 -13.66 -17.35 -5.82
N LEU A 237 -12.56 -17.28 -6.56
CA LEU A 237 -11.67 -18.41 -6.75
C LEU A 237 -10.24 -18.06 -6.38
N PRO A 238 -9.49 -19.02 -5.83
CA PRO A 238 -8.04 -18.87 -5.77
C PRO A 238 -7.47 -19.05 -7.17
N VAL A 239 -6.39 -18.34 -7.47
CA VAL A 239 -5.76 -18.43 -8.77
C VAL A 239 -4.33 -18.97 -8.70
N ARG A 240 -3.46 -18.30 -7.95
CA ARG A 240 -2.03 -18.61 -8.00
C ARG A 240 -1.35 -18.16 -6.71
N THR A 241 -0.26 -18.84 -6.38
CA THR A 241 0.60 -18.52 -5.25
C THR A 241 2.01 -18.25 -5.78
N PHE A 242 2.62 -17.17 -5.31
CA PHE A 242 3.92 -16.71 -5.75
C PHE A 242 4.92 -16.83 -4.61
N ARG A 243 6.12 -17.32 -4.92
CA ARG A 243 7.13 -17.63 -3.93
CA ARG A 243 7.12 -17.59 -3.92
C ARG A 243 8.51 -17.23 -4.43
N GLY A 244 9.37 -16.85 -3.49
CA GLY A 244 10.76 -16.58 -3.77
C GLY A 244 11.35 -15.62 -2.78
N HIS A 245 10.57 -14.63 -2.36
CA HIS A 245 10.99 -13.61 -1.42
C HIS A 245 10.87 -14.12 0.01
N THR A 246 11.47 -13.39 0.95
CA THR A 246 11.42 -13.71 2.37
C THR A 246 10.57 -12.67 3.08
N ASN A 247 9.46 -13.10 3.66
CA ASN A 247 8.60 -12.15 4.37
C ASN A 247 7.89 -12.91 5.47
N GLU A 248 8.53 -12.96 6.64
CA GLU A 248 8.00 -13.65 7.80
C GLU A 248 7.62 -12.70 8.92
N LYS A 249 7.92 -11.41 8.82
CA LYS A 249 7.82 -10.50 9.95
C LYS A 249 7.27 -9.12 9.60
N ASN A 250 7.82 -8.47 8.59
CA ASN A 250 7.61 -7.04 8.41
C ASN A 250 6.59 -6.72 7.34
N PHE A 251 6.13 -5.47 7.37
CA PHE A 251 5.44 -4.86 6.23
C PHE A 251 6.50 -4.52 5.19
N VAL A 252 6.57 -5.29 4.10
CA VAL A 252 7.64 -5.15 3.11
C VAL A 252 7.16 -4.56 1.80
N GLY A 253 5.89 -4.23 1.68
CA GLY A 253 5.34 -3.61 0.50
C GLY A 253 4.82 -4.56 -0.54
N LEU A 254 3.69 -4.21 -1.16
CA LEU A 254 3.14 -4.89 -2.31
C LEU A 254 2.59 -3.85 -3.28
N THR A 255 2.92 -3.99 -4.56
CA THR A 255 2.35 -3.14 -5.58
C THR A 255 2.07 -3.98 -6.81
N VAL A 256 0.94 -3.72 -7.46
CA VAL A 256 0.54 -4.51 -8.62
C VAL A 256 0.06 -3.56 -9.71
N ASN A 257 0.14 -4.06 -10.94
CA ASN A 257 -0.49 -3.37 -12.06
C ASN A 257 -1.21 -4.43 -12.89
N SER A 258 -1.47 -4.14 -14.17
CA SER A 258 -2.29 -5.06 -14.94
CA SER A 258 -2.28 -5.05 -14.96
C SER A 258 -1.65 -6.42 -15.11
N GLU A 259 -0.31 -6.50 -15.10
CA GLU A 259 0.41 -7.71 -15.41
CA GLU A 259 0.39 -7.74 -15.39
C GLU A 259 1.37 -8.18 -14.32
N TYR A 260 1.89 -7.27 -13.50
CA TYR A 260 2.98 -7.59 -12.60
C TYR A 260 2.65 -7.33 -11.14
N LEU A 261 3.31 -8.10 -10.28
CA LEU A 261 3.31 -7.91 -8.85
C LEU A 261 4.73 -7.64 -8.42
N ALA A 262 4.92 -6.70 -7.51
CA ALA A 262 6.24 -6.48 -6.92
C ALA A 262 6.07 -6.41 -5.42
N CYS A 263 7.06 -6.92 -4.71
CA CYS A 263 7.03 -6.88 -3.26
C CYS A 263 8.44 -6.76 -2.73
N GLY A 264 8.52 -6.35 -1.47
CA GLY A 264 9.78 -6.35 -0.76
C GLY A 264 10.12 -7.70 -0.16
N SER A 265 11.25 -7.69 0.55
CA SER A 265 11.75 -8.88 1.20
CA SER A 265 11.80 -8.88 1.17
C SER A 265 12.65 -8.45 2.36
N GLU A 266 12.71 -9.31 3.36
CA GLU A 266 13.55 -9.11 4.55
C GLU A 266 15.00 -9.39 4.26
N THR A 267 15.33 -9.76 3.03
CA THR A 267 16.69 -9.86 2.53
C THR A 267 17.16 -8.57 1.86
N ASN A 268 16.40 -7.48 1.99
CA ASN A 268 16.76 -6.21 1.37
C ASN A 268 16.79 -6.32 -0.15
N GLU A 269 15.84 -7.10 -0.68
CA GLU A 269 15.69 -7.30 -2.11
C GLU A 269 14.26 -6.99 -2.53
N VAL A 270 14.10 -6.37 -3.69
CA VAL A 270 12.80 -6.19 -4.35
CA VAL A 270 12.77 -6.22 -4.30
C VAL A 270 12.59 -7.34 -5.31
N TYR A 271 11.39 -7.94 -5.32
CA TYR A 271 11.04 -9.04 -6.20
C TYR A 271 9.93 -8.61 -7.14
N VAL A 272 10.01 -9.07 -8.38
CA VAL A 272 8.96 -8.85 -9.37
C VAL A 272 8.49 -10.20 -9.91
N TYR A 273 7.17 -10.37 -9.94
CA TYR A 273 6.52 -11.53 -10.52
C TYR A 273 5.62 -11.07 -11.66
N HIS A 274 5.59 -11.84 -12.73
CA HIS A 274 4.50 -11.75 -13.69
C HIS A 274 3.34 -12.58 -13.14
N LYS A 275 2.11 -12.08 -13.31
CA LYS A 275 0.96 -12.71 -12.66
C LYS A 275 0.70 -14.13 -13.11
N GLU A 276 1.25 -14.57 -14.25
CA GLU A 276 1.03 -15.92 -14.72
C GLU A 276 2.10 -16.91 -14.26
N ILE A 277 3.16 -16.46 -13.58
CA ILE A 277 4.33 -17.28 -13.30
C ILE A 277 4.61 -17.22 -11.80
N THR A 278 4.75 -18.39 -11.17
CA THR A 278 4.83 -18.43 -9.71
C THR A 278 6.20 -18.07 -9.15
N ARG A 279 7.24 -18.09 -9.95
CA ARG A 279 8.57 -17.74 -9.46
C ARG A 279 9.00 -16.42 -10.08
N PRO A 280 9.90 -15.69 -9.42
CA PRO A 280 10.17 -14.30 -9.83
C PRO A 280 10.68 -14.19 -11.25
N VAL A 281 10.28 -13.12 -11.91
CA VAL A 281 10.94 -12.82 -13.17
CA VAL A 281 10.87 -12.66 -13.18
C VAL A 281 12.26 -12.10 -12.94
N THR A 282 12.40 -11.32 -11.87
CA THR A 282 13.68 -10.73 -11.51
C THR A 282 13.61 -10.23 -10.08
N SER A 283 14.75 -9.76 -9.60
CA SER A 283 14.90 -9.22 -8.26
C SER A 283 16.05 -8.23 -8.28
N HIS A 284 16.11 -7.40 -7.25
CA HIS A 284 17.16 -6.39 -7.10
C HIS A 284 17.60 -6.31 -5.66
N ARG A 285 18.92 -6.43 -5.43
CA ARG A 285 19.48 -6.24 -4.09
C ARG A 285 19.69 -4.75 -3.86
N PHE A 286 19.09 -4.23 -2.79
CA PHE A 286 19.13 -2.79 -2.54
C PHE A 286 20.53 -2.31 -2.23
N GLY A 287 21.30 -3.09 -1.49
CA GLY A 287 22.60 -2.63 -1.01
C GLY A 287 22.48 -1.60 0.09
N GLY A 299 24.18 -5.74 6.48
CA GLY A 299 23.12 -5.43 7.43
C GLY A 299 21.88 -6.28 7.21
N SER A 300 20.90 -6.10 8.09
CA SER A 300 19.66 -6.86 8.02
C SER A 300 18.49 -5.95 7.69
N TYR A 301 18.63 -5.15 6.63
CA TYR A 301 17.60 -4.22 6.22
C TYR A 301 16.46 -4.97 5.53
N PHE A 302 15.29 -4.34 5.49
CA PHE A 302 14.17 -4.88 4.75
C PHE A 302 13.63 -3.81 3.81
N ILE A 303 13.18 -4.23 2.63
CA ILE A 303 12.37 -3.34 1.82
C ILE A 303 11.08 -3.08 2.56
N SER A 304 10.62 -1.84 2.51
CA SER A 304 9.48 -1.42 3.32
C SER A 304 8.36 -0.79 2.51
N ALA A 305 8.60 -0.43 1.26
CA ALA A 305 7.54 0.18 0.46
C ALA A 305 7.90 0.07 -1.01
N VAL A 306 6.89 -0.19 -1.85
CA VAL A 306 7.05 -0.30 -3.29
C VAL A 306 5.82 0.30 -3.97
N CYS A 307 5.99 0.84 -5.18
CA CYS A 307 4.87 1.40 -5.93
CA CYS A 307 4.84 1.31 -5.95
C CYS A 307 5.18 1.45 -7.42
N TRP A 308 4.45 0.72 -8.25
CA TRP A 308 4.57 0.85 -9.68
C TRP A 308 4.15 2.24 -10.13
N LYS A 309 4.76 2.71 -11.21
CA LYS A 309 4.29 3.87 -11.94
C LYS A 309 3.26 3.36 -12.96
N SER A 310 2.03 3.25 -12.49
CA SER A 310 0.89 2.72 -13.26
C SER A 310 1.29 1.40 -13.94
N ASP A 311 1.01 1.23 -15.23
N ASP A 311 1.00 1.23 -15.24
CA ASP A 311 1.27 -0.03 -15.92
CA ASP A 311 1.26 0.00 -15.96
C ASP A 311 2.66 -0.11 -16.51
C ASP A 311 2.60 0.01 -16.68
N SER A 312 3.49 0.90 -16.29
CA SER A 312 4.82 0.95 -16.88
C SER A 312 5.77 0.04 -16.13
N PRO A 313 6.95 -0.21 -16.71
CA PRO A 313 7.99 -0.98 -16.02
C PRO A 313 8.72 -0.21 -14.94
N THR A 314 8.38 1.06 -14.70
CA THR A 314 9.05 1.88 -13.69
C THR A 314 8.38 1.71 -12.34
N MET A 315 9.18 1.71 -11.27
CA MET A 315 8.73 1.47 -9.91
CA MET A 315 8.62 1.62 -9.93
C MET A 315 9.47 2.38 -8.94
N LEU A 316 8.80 2.82 -7.88
CA LEU A 316 9.44 3.42 -6.72
C LEU A 316 9.60 2.36 -5.64
N THR A 317 10.69 2.47 -4.89
CA THR A 317 10.98 1.54 -3.81
C THR A 317 11.67 2.27 -2.68
N ALA A 318 11.52 1.74 -1.47
CA ALA A 318 12.20 2.31 -0.31
C ALA A 318 12.43 1.20 0.70
N ASN A 319 13.42 1.41 1.55
CA ASN A 319 13.74 0.39 2.53
C ASN A 319 13.82 0.94 3.95
N SER A 320 14.18 0.04 4.87
CA SER A 320 14.13 0.34 6.29
C SER A 320 15.22 1.30 6.72
N GLN A 321 16.20 1.56 5.88
CA GLN A 321 17.20 2.58 6.12
C GLN A 321 16.75 3.96 5.64
N GLY A 322 15.64 4.03 4.91
CA GLY A 322 15.18 5.29 4.38
C GLY A 322 15.67 5.59 2.99
N THR A 323 16.39 4.67 2.36
CA THR A 323 16.83 4.87 0.99
C THR A 323 15.66 4.70 0.04
N ILE A 324 15.60 5.56 -0.97
CA ILE A 324 14.59 5.50 -2.01
C ILE A 324 15.30 5.21 -3.33
N LYS A 325 14.78 4.27 -4.09
CA LYS A 325 15.29 4.05 -5.44
C LYS A 325 14.15 4.05 -6.45
N VAL A 326 14.41 4.62 -7.62
CA VAL A 326 13.56 4.46 -8.78
C VAL A 326 14.16 3.36 -9.63
N LEU A 327 13.41 2.29 -9.85
CA LEU A 327 13.85 1.14 -10.61
C LEU A 327 13.03 1.02 -11.88
N VAL A 328 13.58 0.33 -12.87
CA VAL A 328 12.85 0.08 -14.11
CA VAL A 328 12.83 0.06 -14.10
C VAL A 328 13.14 -1.35 -14.57
N LEU A 329 12.10 -2.13 -14.85
CA LEU A 329 12.30 -3.42 -15.48
C LEU A 329 12.94 -3.23 -16.84
N ALA A 330 13.84 -4.14 -17.18
CA ALA A 330 14.52 -4.03 -18.46
C ALA A 330 14.91 -5.42 -18.95
N ALA A 331 15.09 -5.49 -20.26
CA ALA A 331 15.52 -6.72 -20.90
C ALA A 331 16.84 -7.16 -20.33
N ARG B 2 8.01 -1.36 18.31
CA ARG B 2 8.40 -1.99 17.05
C ARG B 2 7.60 -1.40 15.87
N TYR B 3 8.31 -1.07 14.81
CA TYR B 3 7.73 -0.40 13.65
C TYR B 3 7.73 -1.33 12.46
N ALA B 4 6.67 -1.25 11.67
CA ALA B 4 6.54 -2.01 10.43
C ALA B 4 6.57 -3.51 10.67
N VAL B 5 6.08 -3.95 11.81
CA VAL B 5 5.96 -5.37 12.14
C VAL B 5 4.50 -5.76 12.02
N VAL B 6 4.23 -6.78 11.22
CA VAL B 6 2.85 -7.22 10.96
C VAL B 6 2.28 -7.86 12.22
N PRO B 7 1.04 -7.56 12.60
CA PRO B 7 0.43 -8.29 13.72
C PRO B 7 0.46 -9.79 13.47
N ASP B 8 0.66 -10.56 14.54
CA ASP B 8 0.65 -12.02 14.41
C ASP B 8 -0.62 -12.49 13.69
S SO4 C . -2.55 -24.09 -0.23
O1 SO4 C . -1.30 -24.06 0.52
O2 SO4 C . -2.77 -25.42 -0.79
O3 SO4 C . -3.66 -23.85 0.70
O4 SO4 C . -2.52 -23.10 -1.31
S SO4 D . 5.26 -21.88 -12.77
O1 SO4 D . 6.44 -21.46 -12.00
O2 SO4 D . 4.73 -23.11 -12.18
O3 SO4 D . 4.24 -20.84 -12.73
O4 SO4 D . 5.66 -22.15 -14.15
C1 GOL E . -3.43 0.73 -7.25
O1 GOL E . -3.14 -0.59 -6.82
C2 GOL E . -3.13 1.66 -6.05
O2 GOL E . -1.77 1.88 -5.89
C3 GOL E . -3.87 3.01 -6.34
O3 GOL E . -2.92 3.98 -6.57
H11 GOL E . -2.89 1.00 -8.01
H12 GOL E . -4.35 0.83 -7.52
HO1 GOL E . -3.87 -0.91 -6.49
H2 GOL E . -3.47 1.25 -5.24
HO2 GOL E . -1.60 2.68 -6.10
H31 GOL E . -4.47 2.87 -7.09
H32 GOL E . -4.44 3.20 -5.58
C1 GOL F . -28.06 -10.81 2.73
O1 GOL F . -27.84 -9.72 1.87
C2 GOL F . -29.31 -10.45 3.61
O2 GOL F . -29.57 -9.10 3.60
C3 GOL F . -28.97 -10.99 5.02
O3 GOL F . -29.92 -10.44 5.94
H11 GOL F . -28.24 -11.63 2.24
H12 GOL F . -27.31 -10.99 3.30
HO1 GOL F . -27.06 -9.43 2.05
H2 GOL F . -30.10 -10.89 3.26
HO2 GOL F . -28.85 -8.69 3.43
H31 GOL F . -28.99 -11.96 5.00
H32 GOL F . -28.06 -10.75 5.24
HO3 GOL F . -29.73 -10.76 6.70
C1 GOL G . -19.68 -8.47 -6.95
C1 GOL G . -19.66 -8.59 -6.74
O1 GOL G . -20.38 -9.53 -7.55
O1 GOL G . -20.28 -9.84 -6.61
C2 GOL G . -18.17 -8.81 -6.99
C2 GOL G . -18.19 -8.84 -7.18
O2 GOL G . -17.87 -9.65 -8.05
O2 GOL G . -17.60 -9.86 -6.46
C3 GOL G . -17.44 -7.44 -7.10
C3 GOL G . -17.47 -7.48 -6.98
O3 GOL G . -16.06 -7.68 -7.18
O3 GOL G . -16.09 -7.66 -7.22
H11 GOL G . -19.95 -8.33 -6.02
H11 GOL G . -19.66 -8.09 -5.91
H12 GOL G . -19.83 -7.63 -7.39
H12 GOL G . -20.09 -8.04 -7.40
HO1 GOL G . -19.80 -10.03 -7.90
HO1 GOL G . -19.66 -10.43 -6.70
H2 GOL G . -17.90 -9.28 -6.19
H2 GOL G . -18.15 -9.12 -8.11
HO2 GOL G . -17.45 -10.32 -7.74
H31 GOL G . -17.69 -6.90 -6.33
H31 GOL G . -17.66 -7.15 -6.09
H32 GOL G . -17.80 -6.97 -7.86
H32 GOL G . -17.88 -6.83 -7.58
HO3 GOL G . -15.81 -7.40 -7.94
HO3 GOL G . -15.88 -7.12 -7.84
#